data_3ML5
#
_entry.id   3ML5
#
_cell.length_a   43.78
_cell.length_b   66.28
_cell.length_c   46.46
_cell.angle_alpha   90.00
_cell.angle_beta   113.84
_cell.angle_gamma   90.00
#
_symmetry.space_group_name_H-M   'P 1 21 1'
#
loop_
_entity.id
_entity.type
_entity.pdbx_description
1 polymer 'Carbonic anhydrase 7'
2 non-polymer 'ZINC ION'
3 non-polymer 5-ACETAMIDO-1,3,4-THIADIAZOLE-2-SULFONAMIDE
4 water water
#
_entity_poly.entity_id   1
_entity_poly.type   'polypeptide(L)'
_entity_poly.pdbx_seq_one_letter_code
;GSPNSMTGHHGWGYGQDDGPSHWHKLYPIAQGDRQSPINIISSQAVYSPSLQPLELSYEACMSLSITNNGHSVQVDFNDS
DDRTVVTGGPLEGPYRLKQFHFHWGKKHDVGSEHTVDGKSFPSELHLVHWNAKKYSTFGEAASAPDGLAVVGVFLETGDE
HPSMNRLTDALYMVRFKGTKAQFSCFNPKSLLPASRHYWTYPGSLTTPPLSESVTWIVLREPISISERQMGKFRSLLFTS
EDDERIHMVNNFRPPQPLKGRVVKASFRA
;
_entity_poly.pdbx_strand_id   A
#
# COMPACT_ATOMS: atom_id res chain seq x y z
N GLY A 8 -8.92 14.26 1.43
CA GLY A 8 -9.78 14.71 0.33
C GLY A 8 -9.55 13.89 -0.92
N HIS A 9 -10.44 14.04 -1.89
CA HIS A 9 -10.34 13.33 -3.18
C HIS A 9 -11.08 14.20 -4.21
N HIS A 10 -10.31 15.01 -4.91
CA HIS A 10 -10.86 15.99 -5.85
C HIS A 10 -10.29 15.99 -7.29
N GLY A 11 -9.35 16.89 -7.49
CA GLY A 11 -8.65 17.06 -8.74
C GLY A 11 -7.23 16.63 -8.44
N TRP A 12 -7.07 15.36 -8.09
CA TRP A 12 -5.75 14.82 -7.86
C TRP A 12 -5.77 13.54 -8.63
N GLY A 13 -4.67 13.22 -9.27
CA GLY A 13 -4.57 12.00 -10.03
C GLY A 13 -3.09 11.77 -10.25
N TYR A 14 -2.75 11.12 -11.35
CA TYR A 14 -1.35 10.87 -11.66
C TYR A 14 -0.99 11.38 -13.05
N GLY A 15 -1.83 12.26 -13.58
CA GLY A 15 -1.58 12.82 -14.90
C GLY A 15 -0.56 13.93 -14.86
N GLN A 16 -0.32 14.55 -16.00
CA GLN A 16 0.65 15.64 -16.09
C GLN A 16 0.19 16.90 -15.35
N ASP A 17 -1.11 17.14 -15.31
CA ASP A 17 -1.64 18.32 -14.64
C ASP A 17 -2.17 18.12 -13.22
N ASP A 18 -2.49 16.89 -12.85
CA ASP A 18 -2.99 16.63 -11.51
C ASP A 18 -2.15 15.61 -10.75
N GLY A 19 -0.95 15.36 -11.26
CA GLY A 19 -0.05 14.40 -10.65
C GLY A 19 0.62 14.83 -9.36
N PRO A 20 1.42 13.93 -8.76
CA PRO A 20 2.14 14.16 -7.50
C PRO A 20 2.83 15.52 -7.36
N SER A 21 3.47 16.00 -8.41
CA SER A 21 4.15 17.29 -8.34
C SER A 21 3.21 18.46 -8.10
N HIS A 22 1.91 18.24 -8.27
CA HIS A 22 0.92 19.31 -8.08
C HIS A 22 0.09 19.19 -6.81
N TRP A 23 0.13 18.03 -6.15
CA TRP A 23 -0.65 17.83 -4.95
C TRP A 23 -0.49 18.87 -3.85
N HIS A 24 0.72 19.40 -3.67
CA HIS A 24 0.95 20.38 -2.61
C HIS A 24 0.06 21.62 -2.71
N LYS A 25 -0.44 21.90 -3.91
CA LYS A 25 -1.30 23.06 -4.10
C LYS A 25 -2.64 22.92 -3.36
N LEU A 26 -3.25 21.75 -3.45
CA LEU A 26 -4.52 21.50 -2.77
C LEU A 26 -4.35 20.82 -1.42
N TYR A 27 -3.20 20.19 -1.22
CA TYR A 27 -2.92 19.52 0.04
C TYR A 27 -1.58 19.98 0.58
N PRO A 28 -1.58 21.13 1.28
CA PRO A 28 -0.38 21.73 1.86
C PRO A 28 0.47 20.78 2.71
N ILE A 29 -0.15 19.78 3.33
CA ILE A 29 0.60 18.84 4.16
C ILE A 29 1.60 18.03 3.31
N ALA A 30 1.46 18.15 1.99
CA ALA A 30 2.32 17.43 1.05
C ALA A 30 3.82 17.70 1.24
N GLN A 31 4.14 18.83 1.85
CA GLN A 31 5.54 19.16 2.10
C GLN A 31 5.79 19.21 3.59
N GLY A 32 5.15 18.29 4.30
CA GLY A 32 5.27 18.20 5.76
C GLY A 32 6.57 17.57 6.22
N ASP A 33 6.71 17.38 7.53
CA ASP A 33 7.92 16.79 8.11
C ASP A 33 8.03 15.26 8.06
N ARG A 34 6.93 14.57 7.78
CA ARG A 34 6.99 13.11 7.71
C ARG A 34 6.16 12.55 6.57
N GLN A 35 6.56 12.87 5.35
CA GLN A 35 5.86 12.42 4.16
C GLN A 35 6.41 11.10 3.62
N SER A 36 5.54 10.36 2.95
CA SER A 36 5.87 9.05 2.38
C SER A 36 5.51 9.04 0.90
N PRO A 37 6.13 8.14 0.11
CA PRO A 37 7.15 7.15 0.53
C PRO A 37 8.55 7.76 0.64
N ILE A 38 9.52 6.92 0.97
CA ILE A 38 10.91 7.36 1.07
C ILE A 38 11.84 6.33 0.46
N ASN A 39 13.11 6.70 0.31
CA ASN A 39 14.13 5.80 -0.20
C ASN A 39 14.72 5.20 1.07
N ILE A 40 14.67 3.88 1.18
N ILE A 40 14.67 3.88 1.18
CA ILE A 40 15.21 3.20 2.35
CA ILE A 40 15.21 3.21 2.36
C ILE A 40 16.67 2.82 2.14
C ILE A 40 16.67 2.82 2.14
N ILE A 41 17.58 3.56 2.77
CA ILE A 41 19.01 3.29 2.64
C ILE A 41 19.25 2.25 3.73
N SER A 42 19.33 0.98 3.33
CA SER A 42 19.49 -0.14 4.26
C SER A 42 20.62 -0.03 5.27
N SER A 43 21.79 0.44 4.84
CA SER A 43 22.93 0.57 5.74
C SER A 43 22.66 1.57 6.85
N GLN A 44 21.69 2.45 6.63
CA GLN A 44 21.36 3.47 7.63
C GLN A 44 20.22 3.10 8.56
N ALA A 45 19.53 2.01 8.26
CA ALA A 45 18.42 1.56 9.11
C ALA A 45 19.01 1.11 10.45
N VAL A 46 18.34 1.45 11.54
CA VAL A 46 18.82 1.09 12.87
C VAL A 46 18.24 -0.23 13.39
N TYR A 47 19.10 -1.23 13.55
CA TYR A 47 18.68 -2.54 14.08
C TYR A 47 18.04 -2.28 15.44
N SER A 48 16.79 -2.69 15.60
CA SER A 48 16.07 -2.47 16.85
C SER A 48 15.53 -3.77 17.45
N PRO A 49 16.36 -4.49 18.21
CA PRO A 49 15.97 -5.75 18.84
C PRO A 49 14.85 -5.65 19.88
N SER A 50 14.63 -4.46 20.43
CA SER A 50 13.60 -4.27 21.45
C SER A 50 12.19 -4.46 20.89
N LEU A 51 12.01 -4.19 19.61
CA LEU A 51 10.71 -4.32 18.98
C LEU A 51 10.21 -5.75 19.07
N GLN A 52 8.94 -5.91 19.42
CA GLN A 52 8.34 -7.23 19.53
C GLN A 52 8.09 -7.80 18.13
N PRO A 53 7.96 -9.13 18.02
CA PRO A 53 7.73 -9.75 16.70
C PRO A 53 6.50 -9.21 15.98
N LEU A 54 6.65 -9.03 14.66
CA LEU A 54 5.56 -8.53 13.82
C LEU A 54 4.60 -9.68 13.51
N GLU A 55 3.33 -9.50 13.82
CA GLU A 55 2.35 -10.53 13.55
C GLU A 55 1.18 -10.06 12.70
N LEU A 56 0.92 -10.78 11.63
CA LEU A 56 -0.18 -10.47 10.73
C LEU A 56 -1.20 -11.59 10.88
N SER A 57 -2.25 -11.33 11.67
CA SER A 57 -3.29 -12.32 11.92
C SER A 57 -4.52 -12.00 11.09
N TYR A 58 -4.56 -12.62 9.91
CA TYR A 58 -5.65 -12.41 8.96
C TYR A 58 -6.60 -13.61 8.88
N GLU A 59 -7.86 -13.33 8.59
CA GLU A 59 -8.88 -14.36 8.46
C GLU A 59 -9.02 -14.78 7.00
N ALA A 60 -9.60 -15.95 6.78
CA ALA A 60 -9.81 -16.48 5.43
C ALA A 60 -10.87 -15.76 4.63
N CYS A 61 -12.00 -15.43 5.25
CA CYS A 61 -13.09 -14.79 4.52
C CYS A 61 -13.61 -13.50 5.14
N MET A 62 -12.78 -12.47 5.15
CA MET A 62 -13.19 -11.18 5.68
C MET A 62 -13.22 -10.16 4.54
N SER A 63 -12.83 -10.61 3.36
CA SER A 63 -12.81 -9.74 2.18
C SER A 63 -14.22 -9.52 1.66
N LEU A 64 -14.47 -8.33 1.13
CA LEU A 64 -15.79 -7.98 0.62
C LEU A 64 -15.85 -7.87 -0.90
N SER A 65 -15.18 -6.85 -1.45
N SER A 65 -15.16 -6.87 -1.45
CA SER A 65 -15.18 -6.63 -2.89
CA SER A 65 -15.16 -6.65 -2.89
C SER A 65 -13.81 -6.20 -3.41
C SER A 65 -13.80 -6.22 -3.40
N ILE A 66 -13.71 -6.08 -4.72
CA ILE A 66 -12.48 -5.65 -5.37
C ILE A 66 -13.01 -4.49 -6.22
N THR A 67 -12.38 -3.33 -6.10
CA THR A 67 -12.86 -2.13 -6.79
C THR A 67 -11.80 -1.31 -7.51
N ASN A 68 -12.15 -0.80 -8.68
CA ASN A 68 -11.27 0.08 -9.44
C ASN A 68 -11.82 1.46 -9.06
N ASN A 69 -11.08 2.20 -8.24
CA ASN A 69 -11.54 3.50 -7.78
C ASN A 69 -10.95 4.67 -8.55
N GLY A 70 -10.23 4.36 -9.62
CA GLY A 70 -9.63 5.41 -10.43
C GLY A 70 -8.17 5.69 -10.10
N HIS A 71 -7.73 5.22 -8.94
CA HIS A 71 -6.35 5.42 -8.51
C HIS A 71 -5.62 4.11 -8.41
N SER A 72 -6.37 3.03 -8.17
CA SER A 72 -5.78 1.70 -8.02
C SER A 72 -6.92 0.67 -7.95
N VAL A 73 -6.57 -0.60 -7.85
CA VAL A 73 -7.56 -1.65 -7.71
C VAL A 73 -7.48 -1.98 -6.22
N GLN A 74 -8.61 -1.95 -5.53
CA GLN A 74 -8.62 -2.16 -4.09
C GLN A 74 -9.58 -3.24 -3.60
N VAL A 75 -9.12 -3.99 -2.60
CA VAL A 75 -9.91 -5.06 -1.97
C VAL A 75 -10.22 -4.58 -0.56
N ASP A 76 -11.49 -4.40 -0.25
CA ASP A 76 -11.87 -3.93 1.09
C ASP A 76 -12.28 -5.09 2.00
N PHE A 77 -12.14 -4.88 3.30
CA PHE A 77 -12.46 -5.90 4.29
C PHE A 77 -13.44 -5.43 5.34
N ASN A 78 -14.08 -6.36 6.01
CA ASN A 78 -14.99 -5.99 7.07
C ASN A 78 -14.11 -5.70 8.26
N ASP A 79 -14.15 -4.47 8.76
CA ASP A 79 -13.34 -4.10 9.91
C ASP A 79 -14.24 -3.90 11.13
N SER A 80 -15.51 -4.27 10.96
CA SER A 80 -16.51 -4.15 12.02
C SER A 80 -16.10 -4.92 13.26
N ASP A 81 -15.03 -5.70 13.17
CA ASP A 81 -14.59 -6.44 14.34
C ASP A 81 -13.08 -6.53 14.36
N ASP A 82 -12.55 -7.14 15.42
CA ASP A 82 -11.11 -7.29 15.69
C ASP A 82 -10.37 -8.55 15.23
N ARG A 83 -10.95 -9.32 14.33
CA ARG A 83 -10.32 -10.56 13.87
C ARG A 83 -9.12 -10.42 12.95
N THR A 84 -9.21 -9.54 11.96
CA THR A 84 -8.14 -9.36 10.99
C THR A 84 -7.31 -8.13 11.36
N VAL A 85 -6.15 -8.37 11.98
CA VAL A 85 -5.31 -7.28 12.43
C VAL A 85 -3.81 -7.50 12.29
N VAL A 86 -3.07 -6.41 12.44
CA VAL A 86 -1.62 -6.46 12.42
C VAL A 86 -1.25 -6.04 13.84
N THR A 87 -0.19 -6.62 14.38
CA THR A 87 0.24 -6.27 15.72
C THR A 87 1.73 -6.49 15.87
N GLY A 88 2.27 -6.16 17.04
CA GLY A 88 3.69 -6.34 17.26
C GLY A 88 4.53 -5.31 16.54
N GLY A 89 5.83 -5.59 16.41
CA GLY A 89 6.71 -4.67 15.73
C GLY A 89 6.72 -3.35 16.49
N PRO A 90 6.61 -2.20 15.80
CA PRO A 90 6.60 -0.90 16.47
C PRO A 90 5.23 -0.48 16.98
N LEU A 91 4.20 -1.26 16.64
CA LEU A 91 2.84 -0.93 17.02
C LEU A 91 2.45 -1.19 18.47
N GLU A 92 1.65 -0.27 19.02
CA GLU A 92 1.16 -0.40 20.36
C GLU A 92 -0.30 -0.84 20.23
N GLY A 93 -0.52 -2.15 20.34
CA GLY A 93 -1.87 -2.66 20.22
C GLY A 93 -2.20 -3.03 18.78
N PRO A 94 -3.34 -3.70 18.55
CA PRO A 94 -3.80 -4.13 17.23
C PRO A 94 -4.41 -3.04 16.34
N TYR A 95 -4.19 -3.19 15.04
CA TYR A 95 -4.72 -2.28 14.02
C TYR A 95 -5.51 -3.17 13.05
N ARG A 96 -6.78 -2.83 12.84
CA ARG A 96 -7.63 -3.62 11.94
C ARG A 96 -7.41 -3.32 10.46
N LEU A 97 -7.38 -4.36 9.64
CA LEU A 97 -7.19 -4.21 8.20
C LEU A 97 -8.47 -3.68 7.55
N LYS A 98 -8.35 -2.55 6.87
CA LYS A 98 -9.49 -1.94 6.19
C LYS A 98 -9.53 -2.32 4.72
N GLN A 99 -8.36 -2.27 4.09
CA GLN A 99 -8.24 -2.58 2.66
C GLN A 99 -6.80 -2.71 2.23
N PHE A 100 -6.60 -3.28 1.05
CA PHE A 100 -5.27 -3.38 0.48
C PHE A 100 -5.39 -3.00 -0.99
N HIS A 101 -4.32 -2.41 -1.53
CA HIS A 101 -4.29 -1.98 -2.92
C HIS A 101 -2.85 -2.04 -3.42
N PHE A 102 -2.65 -1.70 -4.70
CA PHE A 102 -1.32 -1.75 -5.30
C PHE A 102 -0.93 -0.47 -6.03
N HIS A 103 0.37 -0.34 -6.29
CA HIS A 103 0.93 0.77 -7.04
C HIS A 103 1.87 0.08 -8.01
N TRP A 104 1.85 0.46 -9.29
CA TRP A 104 2.71 -0.17 -10.28
C TRP A 104 3.12 0.77 -11.41
N GLY A 105 4.03 0.31 -12.26
CA GLY A 105 4.50 1.17 -13.34
C GLY A 105 4.13 0.74 -14.74
N LYS A 106 4.49 1.57 -15.71
CA LYS A 106 4.22 1.28 -17.11
C LYS A 106 5.32 0.35 -17.61
N LYS A 107 6.49 0.42 -16.97
CA LYS A 107 7.65 -0.39 -17.33
C LYS A 107 8.18 -1.13 -16.11
N HIS A 108 8.90 -2.21 -16.36
CA HIS A 108 9.47 -3.06 -15.30
C HIS A 108 10.37 -2.38 -14.26
N ASP A 109 11.05 -1.30 -14.65
CA ASP A 109 11.96 -0.63 -13.73
C ASP A 109 11.34 0.41 -12.79
N VAL A 110 10.03 0.61 -12.90
CA VAL A 110 9.33 1.57 -12.05
C VAL A 110 8.00 0.97 -11.57
N GLY A 111 7.45 1.54 -10.50
CA GLY A 111 6.19 1.04 -9.99
C GLY A 111 6.01 1.18 -8.48
N SER A 112 6.99 0.71 -7.71
CA SER A 112 6.90 0.80 -6.27
C SER A 112 7.01 2.24 -5.81
N GLU A 113 6.53 2.51 -4.61
CA GLU A 113 6.57 3.86 -4.07
C GLU A 113 7.85 3.97 -3.24
N HIS A 114 8.02 3.04 -2.31
CA HIS A 114 9.22 3.03 -1.51
C HIS A 114 10.28 2.41 -2.42
N THR A 115 11.53 2.76 -2.17
CA THR A 115 12.63 2.19 -2.92
C THR A 115 13.65 1.80 -1.87
N VAL A 116 14.51 0.85 -2.22
CA VAL A 116 15.53 0.38 -1.31
C VAL A 116 16.88 0.62 -1.96
N ASP A 117 17.71 1.44 -1.33
CA ASP A 117 19.02 1.75 -1.87
C ASP A 117 18.89 2.22 -3.31
N GLY A 118 17.95 3.13 -3.54
CA GLY A 118 17.74 3.68 -4.87
C GLY A 118 17.03 2.80 -5.89
N LYS A 119 16.74 1.55 -5.53
CA LYS A 119 16.08 0.65 -6.46
C LYS A 119 14.58 0.54 -6.24
N SER A 120 13.85 0.54 -7.34
CA SER A 120 12.40 0.41 -7.31
C SER A 120 12.04 -1.00 -7.71
N PHE A 121 10.81 -1.40 -7.38
CA PHE A 121 10.30 -2.71 -7.75
C PHE A 121 9.16 -2.42 -8.72
N PRO A 122 8.80 -3.39 -9.57
CA PRO A 122 7.72 -3.14 -10.53
C PRO A 122 6.37 -2.80 -9.89
N SER A 123 6.18 -3.18 -8.63
CA SER A 123 4.93 -2.91 -7.94
C SER A 123 5.10 -3.00 -6.42
N GLU A 124 4.16 -2.39 -5.69
CA GLU A 124 4.19 -2.42 -4.24
C GLU A 124 2.76 -2.59 -3.74
N LEU A 125 2.60 -3.51 -2.80
CA LEU A 125 1.29 -3.78 -2.20
C LEU A 125 1.20 -3.04 -0.88
N HIS A 126 0.02 -2.51 -0.59
CA HIS A 126 -0.21 -1.78 0.66
C HIS A 126 -1.43 -2.34 1.39
N LEU A 127 -1.22 -2.80 2.61
CA LEU A 127 -2.29 -3.32 3.46
C LEU A 127 -2.48 -2.21 4.49
N VAL A 128 -3.63 -1.53 4.40
CA VAL A 128 -3.97 -0.39 5.26
C VAL A 128 -4.79 -0.74 6.49
N HIS A 129 -4.23 -0.48 7.68
CA HIS A 129 -4.89 -0.78 8.96
C HIS A 129 -5.08 0.49 9.78
N TRP A 130 -6.04 0.46 10.69
CA TRP A 130 -6.29 1.60 11.57
C TRP A 130 -6.52 1.17 13.01
N ASN A 131 -6.29 2.10 13.93
CA ASN A 131 -6.43 1.86 15.35
C ASN A 131 -7.87 2.00 15.83
N ALA A 132 -8.70 1.00 15.52
CA ALA A 132 -10.12 1.00 15.90
C ALA A 132 -10.30 0.85 17.41
N LYS A 133 -9.27 0.37 18.09
CA LYS A 133 -9.30 0.21 19.54
C LYS A 133 -9.44 1.57 20.24
N LYS A 134 -8.73 2.59 19.77
CA LYS A 134 -8.83 3.88 20.44
C LYS A 134 -9.49 5.02 19.65
N TYR A 135 -9.78 4.78 18.38
CA TYR A 135 -10.47 5.77 17.55
C TYR A 135 -11.70 5.09 16.99
N SER A 136 -12.80 5.82 16.87
CA SER A 136 -14.07 5.25 16.41
C SER A 136 -14.34 5.15 14.92
N THR A 137 -13.49 5.78 14.11
CA THR A 137 -13.67 5.72 12.67
C THR A 137 -12.30 5.85 12.00
N PHE A 138 -12.16 5.29 10.81
CA PHE A 138 -10.90 5.36 10.09
C PHE A 138 -10.57 6.83 9.84
N GLY A 139 -11.60 7.63 9.56
CA GLY A 139 -11.39 9.04 9.33
C GLY A 139 -10.74 9.70 10.53
N GLU A 140 -11.22 9.35 11.72
CA GLU A 140 -10.66 9.92 12.94
C GLU A 140 -9.23 9.42 13.16
N ALA A 141 -9.02 8.12 13.01
CA ALA A 141 -7.69 7.55 13.20
C ALA A 141 -6.69 8.17 12.22
N ALA A 142 -7.16 8.47 11.02
CA ALA A 142 -6.34 9.05 9.97
C ALA A 142 -5.83 10.46 10.32
N SER A 143 -6.44 11.10 11.30
CA SER A 143 -6.02 12.45 11.68
C SER A 143 -5.05 12.43 12.86
N ALA A 144 -4.77 11.25 13.41
CA ALA A 144 -3.88 11.11 14.55
C ALA A 144 -2.56 10.47 14.17
N PRO A 145 -1.45 10.97 14.73
CA PRO A 145 -0.11 10.43 14.42
C PRO A 145 0.00 8.91 14.60
N ASP A 146 -0.75 8.37 15.55
CA ASP A 146 -0.71 6.93 15.82
C ASP A 146 -1.96 6.19 15.37
N GLY A 147 -2.72 6.81 14.47
CA GLY A 147 -3.95 6.18 14.02
C GLY A 147 -3.90 5.11 12.96
N LEU A 148 -2.87 5.13 12.12
CA LEU A 148 -2.77 4.16 11.03
C LEU A 148 -1.47 3.37 10.97
N ALA A 149 -1.56 2.20 10.36
CA ALA A 149 -0.40 1.33 10.17
C ALA A 149 -0.55 0.71 8.78
N VAL A 150 0.42 0.96 7.91
CA VAL A 150 0.36 0.39 6.57
C VAL A 150 1.53 -0.56 6.34
N VAL A 151 1.19 -1.79 5.96
CA VAL A 151 2.20 -2.78 5.67
C VAL A 151 2.45 -2.77 4.18
N GLY A 152 3.70 -2.54 3.82
CA GLY A 152 4.09 -2.52 2.42
C GLY A 152 4.82 -3.78 2.03
N VAL A 153 4.45 -4.34 0.88
CA VAL A 153 5.08 -5.55 0.38
C VAL A 153 5.54 -5.29 -1.06
N PHE A 154 6.82 -5.50 -1.32
CA PHE A 154 7.35 -5.30 -2.67
C PHE A 154 7.05 -6.51 -3.53
N LEU A 155 6.85 -6.27 -4.82
CA LEU A 155 6.58 -7.33 -5.77
C LEU A 155 7.65 -7.32 -6.86
N GLU A 156 8.27 -8.47 -7.10
CA GLU A 156 9.28 -8.59 -8.14
C GLU A 156 8.74 -9.64 -9.09
N THR A 157 9.18 -9.60 -10.35
CA THR A 157 8.70 -10.58 -11.32
C THR A 157 9.57 -11.82 -11.31
N GLY A 158 8.91 -12.97 -11.36
CA GLY A 158 9.60 -14.25 -11.35
C GLY A 158 8.55 -15.32 -11.59
N ASP A 159 8.43 -16.27 -10.67
CA ASP A 159 7.44 -17.32 -10.81
C ASP A 159 6.03 -16.75 -10.69
N GLU A 160 5.08 -17.41 -11.33
CA GLU A 160 3.68 -17.00 -11.27
C GLU A 160 3.26 -17.15 -9.81
N HIS A 161 2.43 -16.24 -9.33
CA HIS A 161 1.95 -16.29 -7.95
C HIS A 161 0.53 -16.88 -7.94
N PRO A 162 0.34 -18.01 -7.24
CA PRO A 162 -0.94 -18.72 -7.14
C PRO A 162 -2.18 -17.90 -6.75
N SER A 163 -2.20 -17.32 -5.56
CA SER A 163 -3.37 -16.56 -5.13
C SER A 163 -3.53 -15.31 -5.98
N MET A 164 -2.43 -14.85 -6.57
CA MET A 164 -2.49 -13.65 -7.40
C MET A 164 -3.27 -13.91 -8.68
N ASN A 165 -3.37 -15.17 -9.09
CA ASN A 165 -4.11 -15.50 -10.30
C ASN A 165 -5.57 -15.09 -10.19
N ARG A 166 -6.18 -15.40 -9.04
CA ARG A 166 -7.57 -15.05 -8.85
C ARG A 166 -7.77 -13.53 -8.91
N LEU A 167 -6.85 -12.80 -8.30
CA LEU A 167 -6.97 -11.35 -8.30
C LEU A 167 -6.79 -10.78 -9.72
N THR A 168 -5.73 -11.17 -10.42
CA THR A 168 -5.53 -10.66 -11.76
C THR A 168 -6.62 -11.14 -12.73
N ASP A 169 -7.18 -12.31 -12.48
CA ASP A 169 -8.25 -12.82 -13.33
C ASP A 169 -9.49 -11.93 -13.23
N ALA A 170 -9.67 -11.32 -12.06
CA ALA A 170 -10.84 -10.46 -11.83
C ALA A 170 -10.66 -9.02 -12.32
N LEU A 171 -9.47 -8.69 -12.80
CA LEU A 171 -9.21 -7.33 -13.23
C LEU A 171 -9.92 -6.88 -14.51
N TYR A 172 -10.31 -7.82 -15.38
CA TYR A 172 -11.00 -7.41 -16.60
C TYR A 172 -12.34 -6.81 -16.20
N MET A 173 -13.04 -7.49 -15.28
CA MET A 173 -14.35 -7.07 -14.82
C MET A 173 -14.35 -5.68 -14.18
N VAL A 174 -13.23 -5.31 -13.57
CA VAL A 174 -13.13 -3.99 -12.95
C VAL A 174 -12.13 -3.12 -13.71
N ARG A 175 -12.04 -3.33 -15.02
CA ARG A 175 -11.11 -2.56 -15.83
C ARG A 175 -11.41 -1.06 -15.81
N PHE A 176 -12.68 -0.69 -15.73
CA PHE A 176 -13.10 0.71 -15.72
C PHE A 176 -13.21 1.36 -14.35
N LYS A 177 -12.87 2.64 -14.28
CA LYS A 177 -12.97 3.39 -13.04
C LYS A 177 -14.42 3.35 -12.56
N GLY A 178 -14.61 3.23 -11.24
CA GLY A 178 -15.94 3.22 -10.69
C GLY A 178 -16.68 1.91 -10.73
N THR A 179 -15.99 0.82 -11.09
CA THR A 179 -16.66 -0.48 -11.13
C THR A 179 -16.12 -1.39 -10.04
N LYS A 180 -16.97 -2.31 -9.58
CA LYS A 180 -16.58 -3.24 -8.53
C LYS A 180 -17.21 -4.61 -8.74
N ALA A 181 -16.70 -5.60 -8.00
CA ALA A 181 -17.20 -6.96 -8.07
C ALA A 181 -16.99 -7.62 -6.70
N GLN A 182 -17.79 -8.64 -6.38
CA GLN A 182 -17.62 -9.31 -5.11
C GLN A 182 -16.29 -10.07 -5.15
N PHE A 183 -15.59 -10.10 -4.03
CA PHE A 183 -14.29 -10.78 -3.93
C PHE A 183 -14.28 -11.42 -2.54
N SER A 184 -15.03 -12.51 -2.40
N SER A 184 -15.03 -12.51 -2.40
CA SER A 184 -15.14 -13.22 -1.13
CA SER A 184 -15.14 -13.22 -1.13
C SER A 184 -14.03 -14.24 -0.87
C SER A 184 -14.02 -14.22 -0.87
N CYS A 185 -13.77 -14.46 0.41
CA CYS A 185 -12.77 -15.41 0.84
C CYS A 185 -11.37 -15.31 0.22
N PHE A 186 -10.81 -14.10 0.19
CA PHE A 186 -9.44 -13.94 -0.29
C PHE A 186 -8.67 -13.67 0.98
N ASN A 187 -7.69 -14.52 1.28
CA ASN A 187 -6.89 -14.36 2.49
C ASN A 187 -5.66 -13.52 2.15
N PRO A 188 -5.62 -12.28 2.64
CA PRO A 188 -4.48 -11.38 2.37
C PRO A 188 -3.16 -11.99 2.82
N LYS A 189 -3.22 -13.01 3.67
CA LYS A 189 -2.01 -13.67 4.14
C LYS A 189 -1.29 -14.28 2.94
N SER A 190 -2.05 -14.63 1.91
CA SER A 190 -1.50 -15.26 0.70
C SER A 190 -0.61 -14.33 -0.13
N LEU A 191 -0.62 -13.04 0.18
CA LEU A 191 0.20 -12.07 -0.56
C LEU A 191 1.43 -11.65 0.24
N LEU A 192 1.75 -12.40 1.30
CA LEU A 192 2.90 -12.10 2.14
C LEU A 192 4.06 -13.05 1.89
N PRO A 193 5.29 -12.57 2.08
CA PRO A 193 6.47 -13.42 1.89
C PRO A 193 6.59 -14.32 3.12
N ALA A 194 7.58 -15.21 3.11
CA ALA A 194 7.78 -16.11 4.24
C ALA A 194 8.37 -15.33 5.42
N SER A 195 9.33 -14.46 5.13
CA SER A 195 9.98 -13.67 6.16
C SER A 195 9.11 -12.56 6.74
N ARG A 196 9.31 -12.28 8.02
CA ARG A 196 8.57 -11.23 8.70
C ARG A 196 9.52 -10.09 9.10
N HIS A 197 10.68 -10.05 8.46
CA HIS A 197 11.64 -8.99 8.74
C HIS A 197 11.09 -7.73 8.10
N TYR A 198 11.38 -6.57 8.70
CA TYR A 198 10.84 -5.33 8.17
C TYR A 198 11.63 -4.10 8.57
N TRP A 199 11.27 -3.00 7.92
CA TRP A 199 11.83 -1.68 8.18
C TRP A 199 10.61 -0.88 8.65
N THR A 200 10.79 0.09 9.54
CA THR A 200 9.66 0.88 9.99
C THR A 200 10.08 2.31 10.27
N TYR A 201 9.19 3.24 9.97
CA TYR A 201 9.44 4.66 10.19
C TYR A 201 8.12 5.40 10.18
N PRO A 202 8.06 6.57 10.84
CA PRO A 202 6.85 7.39 10.92
C PRO A 202 6.67 8.13 9.59
N GLY A 203 5.52 7.96 8.96
CA GLY A 203 5.27 8.61 7.69
C GLY A 203 3.84 9.05 7.46
N SER A 204 3.41 9.02 6.20
CA SER A 204 2.06 9.46 5.85
C SER A 204 1.40 8.62 4.77
N LEU A 205 0.19 8.99 4.41
CA LEU A 205 -0.53 8.32 3.33
C LEU A 205 0.22 8.78 2.08
N THR A 206 0.24 7.98 1.02
CA THR A 206 0.96 8.38 -0.19
C THR A 206 0.08 9.01 -1.27
N THR A 207 -1.21 9.15 -0.95
CA THR A 207 -2.17 9.77 -1.85
C THR A 207 -2.95 10.74 -0.98
N PRO A 208 -3.49 11.82 -1.58
CA PRO A 208 -4.26 12.77 -0.79
C PRO A 208 -5.26 11.99 0.07
N PRO A 209 -5.57 12.48 1.28
CA PRO A 209 -5.09 13.68 1.96
C PRO A 209 -3.64 13.73 2.46
N LEU A 210 -2.88 12.66 2.23
CA LEU A 210 -1.47 12.63 2.64
C LEU A 210 -1.25 12.85 4.15
N SER A 211 -2.24 12.45 4.95
CA SER A 211 -2.18 12.61 6.41
C SER A 211 -0.96 11.94 7.01
N GLU A 212 -0.31 12.64 7.94
CA GLU A 212 0.89 12.11 8.60
C GLU A 212 0.49 11.33 9.85
N SER A 213 -0.23 10.25 9.64
CA SER A 213 -0.73 9.40 10.72
C SER A 213 -0.38 7.94 10.49
N VAL A 214 0.60 7.70 9.62
CA VAL A 214 0.97 6.34 9.29
C VAL A 214 2.28 5.81 9.84
N THR A 215 2.19 4.66 10.51
CA THR A 215 3.38 3.99 11.00
C THR A 215 3.64 2.98 9.88
N TRP A 216 4.68 3.25 9.09
CA TRP A 216 5.01 2.35 7.99
C TRP A 216 5.79 1.12 8.42
N ILE A 217 5.42 -0.01 7.84
CA ILE A 217 6.08 -1.28 8.11
C ILE A 217 6.32 -1.90 6.73
N VAL A 218 7.53 -1.74 6.22
CA VAL A 218 7.88 -2.25 4.92
C VAL A 218 8.64 -3.56 5.05
N LEU A 219 8.05 -4.63 4.53
CA LEU A 219 8.67 -5.95 4.61
C LEU A 219 9.94 -6.00 3.77
N ARG A 220 10.97 -6.63 4.34
CA ARG A 220 12.26 -6.76 3.66
C ARG A 220 12.22 -7.64 2.43
N GLU A 221 11.55 -8.78 2.52
CA GLU A 221 11.52 -9.72 1.39
C GLU A 221 10.32 -9.52 0.48
N PRO A 222 10.55 -9.41 -0.83
CA PRO A 222 9.40 -9.22 -1.73
C PRO A 222 8.74 -10.55 -2.11
N ILE A 223 7.55 -10.46 -2.70
CA ILE A 223 6.86 -11.66 -3.15
C ILE A 223 7.08 -11.66 -4.66
N SER A 224 6.85 -12.81 -5.29
CA SER A 224 7.07 -12.91 -6.72
C SER A 224 5.81 -13.20 -7.52
N ILE A 225 5.63 -12.45 -8.60
CA ILE A 225 4.49 -12.63 -9.50
C ILE A 225 5.10 -12.67 -10.90
N SER A 226 4.35 -13.17 -11.87
CA SER A 226 4.88 -13.25 -13.24
C SER A 226 4.73 -11.94 -13.98
N GLU A 227 5.45 -11.80 -15.09
CA GLU A 227 5.34 -10.60 -15.89
C GLU A 227 3.93 -10.56 -16.48
N ARG A 228 3.38 -11.74 -16.75
CA ARG A 228 2.02 -11.85 -17.30
C ARG A 228 1.05 -11.22 -16.33
N GLN A 229 1.14 -11.60 -15.06
CA GLN A 229 0.26 -11.06 -14.04
C GLN A 229 0.46 -9.55 -13.94
N MET A 230 1.71 -9.10 -14.04
CA MET A 230 2.02 -7.68 -13.96
C MET A 230 1.34 -6.99 -15.16
N GLY A 231 1.37 -7.65 -16.31
CA GLY A 231 0.76 -7.09 -17.50
C GLY A 231 -0.72 -6.85 -17.30
N LYS A 232 -1.35 -7.70 -16.48
CA LYS A 232 -2.77 -7.59 -16.20
C LYS A 232 -3.09 -6.30 -15.45
N PHE A 233 -2.22 -5.91 -14.52
CA PHE A 233 -2.45 -4.67 -13.78
C PHE A 233 -2.42 -3.50 -14.75
N ARG A 234 -1.45 -3.54 -15.67
CA ARG A 234 -1.30 -2.47 -16.66
C ARG A 234 -2.48 -2.37 -17.63
N SER A 235 -3.32 -3.39 -17.67
CA SER A 235 -4.49 -3.35 -18.57
C SER A 235 -5.64 -2.57 -17.95
N LEU A 236 -5.51 -2.22 -16.66
CA LEU A 236 -6.55 -1.45 -15.96
C LEU A 236 -6.58 -0.02 -16.48
N LEU A 237 -7.70 0.66 -16.28
CA LEU A 237 -7.85 2.03 -16.76
C LEU A 237 -8.17 3.03 -15.65
N PHE A 238 -7.62 4.24 -15.80
CA PHE A 238 -7.84 5.35 -14.88
C PHE A 238 -9.23 5.90 -15.15
N THR A 239 -9.72 5.63 -16.36
CA THR A 239 -11.00 6.17 -16.82
C THR A 239 -12.25 5.31 -16.77
N SER A 240 -13.41 5.97 -16.83
CA SER A 240 -14.69 5.28 -16.80
C SER A 240 -15.10 4.81 -18.19
N GLU A 241 -16.10 3.94 -18.22
CA GLU A 241 -16.63 3.32 -19.44
C GLU A 241 -16.85 4.13 -20.72
N ASP A 242 -17.41 5.33 -20.63
CA ASP A 242 -17.66 6.10 -21.84
C ASP A 242 -16.66 7.23 -22.10
N ASP A 243 -15.52 7.18 -21.41
CA ASP A 243 -14.48 8.18 -21.57
C ASP A 243 -13.32 7.62 -22.38
N GLU A 244 -12.56 8.49 -23.03
CA GLU A 244 -11.41 8.04 -23.79
C GLU A 244 -10.55 7.26 -22.81
N ARG A 245 -9.95 6.18 -23.31
CA ARG A 245 -9.15 5.31 -22.46
C ARG A 245 -7.74 5.75 -22.11
N ILE A 246 -7.46 5.76 -20.82
CA ILE A 246 -6.15 6.10 -20.31
C ILE A 246 -5.84 4.98 -19.31
N HIS A 247 -4.82 4.19 -19.61
CA HIS A 247 -4.45 3.07 -18.75
C HIS A 247 -3.91 3.47 -17.39
N MET A 248 -4.22 2.63 -16.40
CA MET A 248 -3.79 2.87 -15.03
C MET A 248 -2.38 2.31 -14.85
N VAL A 249 -1.39 3.18 -14.97
CA VAL A 249 0.02 2.81 -14.81
C VAL A 249 0.75 4.01 -14.21
N ASN A 250 1.87 3.76 -13.56
CA ASN A 250 2.64 4.82 -12.92
C ASN A 250 1.77 5.56 -11.90
N ASN A 251 0.97 4.79 -11.16
CA ASN A 251 0.11 5.35 -10.14
C ASN A 251 0.87 5.30 -8.81
N PHE A 252 2.04 5.92 -8.79
CA PHE A 252 2.87 5.93 -7.58
C PHE A 252 3.41 7.34 -7.29
N ARG A 253 3.70 7.61 -6.02
CA ARG A 253 4.24 8.89 -5.61
C ARG A 253 5.74 8.69 -5.42
N PRO A 254 6.57 9.61 -5.94
CA PRO A 254 8.02 9.44 -5.78
C PRO A 254 8.45 9.59 -4.32
N PRO A 255 9.70 9.20 -4.03
CA PRO A 255 10.24 9.31 -2.66
C PRO A 255 10.21 10.76 -2.19
N GLN A 256 9.95 10.97 -0.90
CA GLN A 256 9.90 12.32 -0.34
C GLN A 256 11.08 12.50 0.63
N PRO A 257 11.45 13.76 0.93
CA PRO A 257 12.57 14.04 1.83
C PRO A 257 12.51 13.32 3.18
N LEU A 258 13.61 12.67 3.54
CA LEU A 258 13.70 11.92 4.80
C LEU A 258 13.53 12.85 6.01
N LYS A 259 14.11 14.04 5.92
CA LYS A 259 14.05 15.05 6.97
C LYS A 259 14.47 14.57 8.36
N GLY A 260 15.62 13.91 8.43
CA GLY A 260 16.14 13.44 9.70
C GLY A 260 15.43 12.28 10.37
N ARG A 261 14.39 11.74 9.75
CA ARG A 261 13.68 10.62 10.34
C ARG A 261 14.56 9.38 10.43
N VAL A 262 14.31 8.55 11.44
CA VAL A 262 15.08 7.34 11.66
C VAL A 262 14.30 6.11 11.21
N VAL A 263 14.91 5.31 10.34
CA VAL A 263 14.29 4.09 9.85
C VAL A 263 14.84 2.95 10.69
N LYS A 264 13.95 2.20 11.34
CA LYS A 264 14.36 1.08 12.16
C LYS A 264 14.24 -0.22 11.37
N ALA A 265 15.07 -1.20 11.73
CA ALA A 265 15.05 -2.50 11.08
C ALA A 265 14.94 -3.57 12.16
N SER A 266 14.27 -4.66 11.84
CA SER A 266 14.09 -5.75 12.79
C SER A 266 15.16 -6.81 12.58
N PHE A 267 16.06 -6.55 11.63
CA PHE A 267 17.12 -7.49 11.29
C PHE A 267 18.44 -6.75 11.05
N ARG A 268 19.51 -7.53 10.92
CA ARG A 268 20.84 -6.99 10.68
C ARG A 268 21.26 -7.48 9.31
N ALA A 269 21.99 -6.66 8.57
CA ALA A 269 22.45 -7.05 7.23
C ALA A 269 23.83 -6.49 6.97
#